data_6UW0
#
_entry.id   6UW0
#
_cell.length_a   75.246
_cell.length_b   79.679
_cell.length_c   168.941
_cell.angle_alpha   90.000
_cell.angle_beta   90.000
_cell.angle_gamma   90.000
#
_symmetry.space_group_name_H-M   'P 21 21 21'
#
loop_
_entity.id
_entity.type
_entity.pdbx_description
1 polymer I-OnuI-e-Therm-bCtxA
2 polymer 'DNA (27-MER)'
3 polymer 'DNA (27-MER)'
4 non-polymer 'CALCIUM ION'
5 non-polymer 1,2-ETHANEDIOL
6 water water
#
loop_
_entity_poly.entity_id
_entity_poly.type
_entity_poly.pdbx_seq_one_letter_code
_entity_poly.pdbx_strand_id
1 'polypeptide(L)'
;MASSINPWILTGFADAEGSFGLRIRKRNKSSVGYSTELGFEIKLHNKDKSILENIQSTWGVGVIANSGSNAVRLRVTRFE
DLKVIIDHFEKYPLITQKYADYMLFKQAFNVMENKEHLTIEGIKELVRIKAKLNWGLTDELKKAFPEIISKERSLINKNI
PNFKWLAGFTSGEGCFFVNLLKSKSKLGVQVCLVFSIGQHIRDKNLMNSLITYLGCGYILKKNKSEFSWLEFCVTKFSDI
RDKIIPFFQEYTLIGTKLKDFEDWCKVAKLIEEKKHLTEEGLDEIKKIKLNMNKGR
;
A,B
2 'polydeoxyribonucleotide'
;(DG)(DG)(DG)(DT)(DG)(DT)(DC)(DT)(DG)(DG)(DT)(DC)(DA)(DT)(DT)(DC)(DT)(DA)(DC)(DT)
(DT)(DA)(DT)(DT)(DA)(DG)(DG)
;
C,E
3 'polydeoxyribonucleotide'
;(DC)(DC)(DC)(DT)(DA)(DA)(DT)(DA)(DA)(DG)(DT)(DA)(DG)(DA)(DA)(DT)(DG)(DA)(DC)(DC)
(DA)(DG)(DA)(DC)(DA)(DC)(DC)
;
D,F
#
loop_
_chem_comp.id
_chem_comp.type
_chem_comp.name
_chem_comp.formula
CA non-polymer 'CALCIUM ION' 'Ca 2'
DA DNA linking 2'-DEOXYADENOSINE-5'-MONOPHOSPHATE 'C10 H14 N5 O6 P'
DC DNA linking 2'-DEOXYCYTIDINE-5'-MONOPHOSPHATE 'C9 H14 N3 O7 P'
DG DNA linking 2'-DEOXYGUANOSINE-5'-MONOPHOSPHATE 'C10 H14 N5 O7 P'
DT DNA linking THYMIDINE-5'-MONOPHOSPHATE 'C10 H15 N2 O8 P'
EDO non-polymer 1,2-ETHANEDIOL 'C2 H6 O2'
#
# COMPACT_ATOMS: atom_id res chain seq x y z
N SER A 3 -0.71 -26.21 -14.06
CA SER A 3 -1.98 -25.48 -14.18
C SER A 3 -1.80 -23.99 -13.80
N SER A 4 -2.75 -23.16 -14.20
CA SER A 4 -2.69 -21.74 -13.89
C SER A 4 -3.35 -21.49 -12.56
N ILE A 5 -2.90 -20.45 -11.86
CA ILE A 5 -3.41 -20.11 -10.55
C ILE A 5 -3.94 -18.69 -10.59
N ASN A 6 -5.08 -18.46 -9.93
CA ASN A 6 -5.67 -17.13 -9.92
C ASN A 6 -4.73 -16.15 -9.22
N PRO A 7 -4.56 -14.94 -9.75
CA PRO A 7 -3.60 -14.01 -9.13
C PRO A 7 -4.03 -13.50 -7.75
N TRP A 8 -5.34 -13.36 -7.49
CA TRP A 8 -5.74 -12.99 -6.15
C TRP A 8 -5.54 -14.16 -5.18
N ILE A 9 -5.83 -15.38 -5.62
CA ILE A 9 -5.53 -16.52 -4.77
C ILE A 9 -4.02 -16.60 -4.50
N LEU A 10 -3.22 -16.25 -5.51
CA LEU A 10 -1.77 -16.30 -5.35
C LEU A 10 -1.30 -15.29 -4.32
N THR A 11 -1.73 -14.02 -4.46
CA THR A 11 -1.32 -13.01 -3.51
C THR A 11 -1.77 -13.36 -2.10
N GLY A 12 -3.03 -13.81 -1.98
CA GLY A 12 -3.51 -14.26 -0.68
C GLY A 12 -2.63 -15.34 -0.09
N PHE A 13 -2.34 -16.37 -0.90
CA PHE A 13 -1.45 -17.44 -0.42
C PHE A 13 -0.10 -16.88 -0.03
N ALA A 14 0.42 -15.92 -0.79
CA ALA A 14 1.73 -15.36 -0.49
C ALA A 14 1.72 -14.56 0.81
N ASP A 15 0.63 -13.82 1.07
CA ASP A 15 0.48 -13.10 2.34
C ASP A 15 0.60 -14.06 3.52
N ALA A 16 0.32 -15.34 3.30
CA ALA A 16 0.40 -16.39 4.31
C ALA A 16 1.82 -16.94 4.45
N GLU A 17 2.30 -17.61 3.40
CA GLU A 17 3.53 -18.38 3.45
C GLU A 17 4.72 -17.68 2.80
N GLY A 18 4.52 -16.60 2.06
CA GLY A 18 5.62 -16.01 1.32
C GLY A 18 6.66 -15.41 2.25
N SER A 19 7.75 -14.93 1.63
CA SER A 19 8.82 -14.29 2.37
C SER A 19 9.73 -13.56 1.38
N PHE A 20 10.21 -12.37 1.78
CA PHE A 20 11.10 -11.53 0.99
C PHE A 20 12.45 -11.42 1.70
N GLY A 21 13.52 -11.42 0.93
CA GLY A 21 14.86 -11.46 1.49
C GLY A 21 15.82 -10.48 0.83
N LEU A 22 16.76 -10.01 1.63
CA LEU A 22 17.82 -9.12 1.16
C LEU A 22 19.08 -9.45 1.95
N ARG A 23 20.08 -10.03 1.28
CA ARG A 23 21.32 -10.39 1.94
C ARG A 23 22.39 -9.39 1.54
N ILE A 24 23.03 -8.78 2.53
CA ILE A 24 24.16 -7.88 2.30
C ILE A 24 25.39 -8.52 2.95
N ARG A 25 26.08 -9.39 2.21
CA ARG A 25 27.16 -10.21 2.78
C ARG A 25 28.51 -9.63 2.45
N LYS A 26 29.42 -9.65 3.42
CA LYS A 26 30.77 -9.17 3.20
C LYS A 26 31.47 -10.01 2.15
N ARG A 27 32.12 -9.34 1.22
CA ARG A 27 32.83 -10.02 0.14
C ARG A 27 34.11 -9.23 -0.15
N ASN A 28 35.27 -9.84 0.11
CA ASN A 28 36.52 -9.11 -0.01
C ASN A 28 36.77 -8.64 -1.44
N LYS A 29 36.43 -9.49 -2.43
CA LYS A 29 36.67 -9.18 -3.84
C LYS A 29 35.54 -8.33 -4.41
N SER A 30 34.90 -7.52 -3.57
CA SER A 30 33.83 -6.63 -4.01
C SER A 30 34.32 -5.20 -3.98
N SER A 31 34.19 -4.52 -5.13
CA SER A 31 34.49 -3.09 -5.20
C SER A 31 33.91 -2.38 -3.98
N VAL A 32 32.65 -2.71 -3.66
CA VAL A 32 31.98 -2.12 -2.51
C VAL A 32 32.22 -2.90 -1.23
N GLY A 33 32.78 -4.10 -1.30
CA GLY A 33 32.97 -4.92 -0.13
C GLY A 33 31.80 -5.81 0.23
N TYR A 34 30.69 -5.68 -0.50
CA TYR A 34 29.51 -6.50 -0.22
C TYR A 34 28.82 -6.90 -1.50
N SER A 35 28.40 -8.15 -1.57
CA SER A 35 27.45 -8.59 -2.57
C SER A 35 26.05 -8.56 -1.95
N THR A 36 25.06 -8.51 -2.83
CA THR A 36 23.68 -8.36 -2.45
C THR A 36 22.84 -9.38 -3.19
N GLU A 37 21.86 -9.95 -2.49
CA GLU A 37 20.97 -10.96 -3.03
C GLU A 37 19.55 -10.63 -2.60
N LEU A 38 18.64 -10.61 -3.57
CA LEU A 38 17.23 -10.38 -3.37
C LEU A 38 16.48 -11.66 -3.68
N GLY A 39 15.36 -11.88 -3.03
CA GLY A 39 14.63 -13.11 -3.26
C GLY A 39 13.23 -13.08 -2.69
N PHE A 40 12.40 -13.94 -3.26
CA PHE A 40 11.11 -14.25 -2.69
C PHE A 40 10.93 -15.75 -2.76
N GLU A 41 10.55 -16.38 -1.64
CA GLU A 41 10.38 -17.82 -1.61
C GLU A 41 9.13 -18.21 -0.84
N ILE A 42 8.60 -19.37 -1.19
CA ILE A 42 7.50 -20.01 -0.47
C ILE A 42 7.94 -21.43 -0.14
N LYS A 43 7.95 -21.78 1.14
CA LYS A 43 8.41 -23.06 1.62
C LYS A 43 7.23 -23.78 2.26
N LEU A 44 6.95 -24.99 1.79
CA LEU A 44 5.84 -25.77 2.31
C LEU A 44 6.28 -27.21 2.52
N HIS A 45 5.48 -27.94 3.29
CA HIS A 45 5.68 -29.37 3.36
C HIS A 45 5.62 -29.96 1.95
N ASN A 46 6.21 -31.15 1.80
CA ASN A 46 6.30 -31.73 0.48
C ASN A 46 4.97 -32.24 -0.05
N LYS A 47 3.92 -32.30 0.77
CA LYS A 47 2.62 -32.74 0.25
C LYS A 47 2.04 -31.73 -0.73
N ASP A 48 2.30 -30.44 -0.53
CA ASP A 48 1.71 -29.38 -1.33
C ASP A 48 2.66 -28.87 -2.40
N LYS A 49 3.68 -29.64 -2.75
CA LYS A 49 4.57 -29.25 -3.82
C LYS A 49 3.79 -28.95 -5.11
N SER A 50 2.55 -29.44 -5.21
CA SER A 50 1.72 -29.12 -6.36
C SER A 50 1.46 -27.62 -6.47
N ILE A 51 1.12 -26.97 -5.35
CA ILE A 51 0.96 -25.52 -5.35
C ILE A 51 2.18 -24.86 -5.95
N LEU A 52 3.36 -25.27 -5.50
CA LEU A 52 4.56 -24.62 -5.96
C LEU A 52 4.72 -24.75 -7.46
N GLU A 53 4.31 -25.88 -8.03
CA GLU A 53 4.40 -26.05 -9.49
C GLU A 53 3.44 -25.12 -10.21
N ASN A 54 2.27 -24.84 -9.62
CA ASN A 54 1.32 -23.97 -10.29
C ASN A 54 1.77 -22.51 -10.20
N ILE A 55 2.22 -22.08 -9.02
CA ILE A 55 2.76 -20.73 -8.92
C ILE A 55 3.86 -20.51 -9.95
N GLN A 56 4.81 -21.45 -10.00
CA GLN A 56 5.91 -21.37 -10.94
C GLN A 56 5.41 -21.38 -12.38
N SER A 57 4.44 -22.25 -12.68
CA SER A 57 3.92 -22.27 -14.04
C SER A 57 3.21 -20.95 -14.37
N THR A 58 2.50 -20.37 -13.39
CA THR A 58 1.78 -19.12 -13.64
C THR A 58 2.73 -17.95 -13.80
N TRP A 59 3.73 -17.84 -12.92
CA TRP A 59 4.72 -16.78 -13.03
C TRP A 59 5.72 -17.04 -14.14
N GLY A 60 5.97 -18.29 -14.50
CA GLY A 60 7.04 -18.59 -15.43
C GLY A 60 8.41 -18.22 -14.90
N VAL A 61 8.62 -18.34 -13.59
CA VAL A 61 9.87 -17.93 -12.96
C VAL A 61 10.08 -18.75 -11.69
N GLY A 62 11.33 -18.81 -11.22
CA GLY A 62 11.62 -19.42 -9.95
C GLY A 62 11.99 -20.89 -10.06
N VAL A 63 12.72 -21.38 -9.06
CA VAL A 63 13.17 -22.77 -9.05
C VAL A 63 12.64 -23.46 -7.81
N ILE A 64 12.07 -24.65 -8.02
CA ILE A 64 11.56 -25.51 -6.96
C ILE A 64 12.65 -26.47 -6.52
N ALA A 65 12.94 -26.48 -5.23
CA ALA A 65 14.05 -27.28 -4.71
C ALA A 65 13.69 -27.78 -3.31
N ASN A 66 14.28 -28.92 -2.92
CA ASN A 66 14.05 -29.44 -1.58
C ASN A 66 14.66 -28.52 -0.53
N SER A 67 13.96 -28.39 0.60
CA SER A 67 14.48 -27.71 1.78
C SER A 67 14.40 -28.73 2.91
N GLY A 68 15.38 -29.62 2.95
CA GLY A 68 15.38 -30.69 3.93
C GLY A 68 14.63 -31.91 3.42
N SER A 69 14.50 -32.88 4.33
CA SER A 69 13.86 -34.12 3.91
C SER A 69 12.39 -33.90 3.61
N ASN A 70 11.72 -33.06 4.40
CA ASN A 70 10.27 -32.99 4.38
C ASN A 70 9.69 -31.66 3.90
N ALA A 71 10.51 -30.71 3.49
CA ALA A 71 10.03 -29.39 3.10
C ALA A 71 10.59 -29.05 1.73
N VAL A 72 9.83 -28.27 0.98
CA VAL A 72 10.18 -27.85 -0.37
C VAL A 72 9.93 -26.35 -0.49
N ARG A 73 10.67 -25.71 -1.39
CA ARG A 73 10.70 -24.25 -1.54
C ARG A 73 10.71 -23.89 -3.02
N LEU A 74 9.95 -22.85 -3.36
CA LEU A 74 10.11 -22.15 -4.62
C LEU A 74 10.78 -20.83 -4.31
N ARG A 75 11.89 -20.55 -4.96
CA ARG A 75 12.71 -19.41 -4.63
C ARG A 75 13.05 -18.66 -5.91
N VAL A 76 12.92 -17.34 -5.85
CA VAL A 76 13.25 -16.46 -6.96
C VAL A 76 14.35 -15.53 -6.46
N THR A 77 15.51 -15.58 -7.12
CA THR A 77 16.65 -14.72 -6.81
C THR A 77 17.17 -13.97 -8.02
N ARG A 78 16.96 -14.48 -9.23
CA ARG A 78 17.51 -13.90 -10.44
C ARG A 78 16.91 -12.51 -10.73
N PHE A 79 17.77 -11.51 -10.79
CA PHE A 79 17.30 -10.13 -10.80
C PHE A 79 16.24 -9.90 -11.87
N GLU A 80 16.46 -10.39 -13.08
CA GLU A 80 15.46 -10.21 -14.12
C GLU A 80 14.13 -10.84 -13.71
N ASP A 81 14.18 -11.99 -13.04
CA ASP A 81 12.94 -12.69 -12.70
C ASP A 81 12.19 -11.96 -11.57
N LEU A 82 12.88 -11.18 -10.74
CA LEU A 82 12.18 -10.42 -9.71
C LEU A 82 11.23 -9.39 -10.34
N LYS A 83 11.54 -8.92 -11.55
CA LYS A 83 10.63 -7.99 -12.22
C LYS A 83 9.24 -8.59 -12.37
N VAL A 84 9.17 -9.90 -12.64
CA VAL A 84 7.87 -10.57 -12.77
C VAL A 84 7.15 -10.61 -11.45
N ILE A 85 7.89 -10.89 -10.36
CA ILE A 85 7.32 -10.83 -9.02
C ILE A 85 6.76 -9.44 -8.75
N ILE A 86 7.61 -8.42 -8.94
CA ILE A 86 7.20 -7.05 -8.65
C ILE A 86 5.93 -6.71 -9.42
N ASP A 87 5.97 -6.86 -10.74
CA ASP A 87 4.80 -6.50 -11.53
C ASP A 87 3.56 -7.22 -11.05
N HIS A 88 3.68 -8.45 -10.52
CA HIS A 88 2.49 -9.14 -10.05
C HIS A 88 1.91 -8.46 -8.81
N PHE A 89 2.76 -8.24 -7.81
CA PHE A 89 2.32 -7.62 -6.57
C PHE A 89 1.97 -6.16 -6.74
N GLU A 90 2.39 -5.52 -7.84
CA GLU A 90 1.87 -4.17 -8.07
C GLU A 90 0.42 -4.24 -8.53
N LYS A 91 0.09 -5.26 -9.33
CA LYS A 91 -1.28 -5.42 -9.80
C LYS A 91 -2.18 -6.09 -8.76
N TYR A 92 -1.61 -6.84 -7.82
CA TYR A 92 -2.37 -7.54 -6.78
C TYR A 92 -1.64 -7.40 -5.47
N PRO A 93 -1.70 -6.23 -4.84
CA PRO A 93 -0.86 -6.01 -3.67
C PRO A 93 -1.33 -6.87 -2.50
N LEU A 94 -0.38 -7.13 -1.60
CA LEU A 94 -0.72 -7.80 -0.35
C LEU A 94 -1.23 -6.78 0.66
N ILE A 95 -1.66 -7.30 1.81
CA ILE A 95 -2.36 -6.48 2.79
C ILE A 95 -1.95 -6.76 4.25
N THR A 96 -1.11 -7.79 4.47
CA THR A 96 -0.56 -8.06 5.80
C THR A 96 0.66 -7.18 6.01
N GLN A 97 1.20 -7.17 7.24
CA GLN A 97 2.40 -6.40 7.55
C GLN A 97 3.54 -6.83 6.63
N LYS A 98 3.32 -7.92 5.89
CA LYS A 98 4.33 -8.34 4.93
C LYS A 98 4.39 -7.42 3.74
N TYR A 99 3.32 -6.69 3.45
CA TYR A 99 3.41 -5.67 2.40
C TYR A 99 4.53 -4.67 2.68
N ALA A 100 4.79 -4.36 3.96
CA ALA A 100 5.89 -3.46 4.27
C ALA A 100 7.22 -4.05 3.84
N ASP A 101 7.43 -5.32 4.15
CA ASP A 101 8.64 -6.00 3.69
C ASP A 101 8.71 -6.03 2.18
N TYR A 102 7.59 -6.33 1.50
CA TYR A 102 7.62 -6.36 0.04
C TYR A 102 8.11 -5.03 -0.52
N MET A 103 7.61 -3.92 0.03
CA MET A 103 7.95 -2.60 -0.48
C MET A 103 9.40 -2.23 -0.17
N LEU A 104 9.94 -2.70 0.96
CA LEU A 104 11.37 -2.60 1.20
C LEU A 104 12.11 -3.47 0.19
N PHE A 105 11.62 -4.70 0.00
CA PHE A 105 12.14 -5.54 -1.07
C PHE A 105 12.19 -4.78 -2.39
N LYS A 106 11.11 -4.05 -2.71
CA LYS A 106 11.04 -3.34 -3.98
C LYS A 106 11.96 -2.12 -3.99
N GLN A 107 12.09 -1.45 -2.85
CA GLN A 107 13.02 -0.32 -2.83
C GLN A 107 14.44 -0.80 -3.10
N ALA A 108 14.84 -1.92 -2.49
CA ALA A 108 16.14 -2.49 -2.78
C ALA A 108 16.28 -2.74 -4.27
N PHE A 109 15.27 -3.37 -4.88
CA PHE A 109 15.32 -3.64 -6.32
C PHE A 109 15.59 -2.35 -7.09
N ASN A 110 14.87 -1.27 -6.79
CA ASN A 110 15.15 -0.02 -7.49
C ASN A 110 16.59 0.41 -7.25
N VAL A 111 17.06 0.35 -6.00
CA VAL A 111 18.44 0.73 -5.75
C VAL A 111 19.37 -0.03 -6.68
N MET A 112 19.13 -1.32 -6.85
CA MET A 112 20.00 -2.11 -7.71
C MET A 112 19.76 -1.82 -9.19
N GLU A 113 18.50 -1.60 -9.57
CA GLU A 113 18.22 -1.33 -10.98
C GLU A 113 19.01 -0.13 -11.50
N ASN A 114 19.23 0.87 -10.66
CA ASN A 114 20.06 2.01 -11.00
C ASN A 114 21.53 1.75 -10.64
N LYS A 115 21.90 0.50 -10.39
CA LYS A 115 23.27 0.07 -10.12
C LYS A 115 23.88 0.75 -8.90
N GLU A 116 23.07 1.45 -8.10
CA GLU A 116 23.61 2.13 -6.93
C GLU A 116 24.13 1.17 -5.86
N HIS A 117 23.87 -0.13 -5.99
CA HIS A 117 24.48 -1.08 -5.06
C HIS A 117 25.95 -1.31 -5.35
N LEU A 118 26.51 -0.68 -6.38
CA LEU A 118 27.95 -0.73 -6.64
C LEU A 118 28.65 0.52 -6.13
N THR A 119 28.15 1.10 -5.05
CA THR A 119 28.74 2.32 -4.51
C THR A 119 28.63 2.29 -3.00
N ILE A 120 29.55 3.00 -2.34
CA ILE A 120 29.51 3.10 -0.88
C ILE A 120 28.12 3.54 -0.43
N GLU A 121 27.61 4.64 -1.00
CA GLU A 121 26.32 5.17 -0.54
C GLU A 121 25.17 4.18 -0.82
N GLY A 122 25.22 3.47 -1.93
CA GLY A 122 24.15 2.52 -2.23
C GLY A 122 24.07 1.40 -1.21
N ILE A 123 25.19 0.72 -0.96
CA ILE A 123 25.21 -0.27 0.11
C ILE A 123 24.64 0.34 1.39
N LYS A 124 25.01 1.60 1.65
CA LYS A 124 24.53 2.25 2.87
C LYS A 124 23.01 2.35 2.88
N GLU A 125 22.41 2.69 1.74
CA GLU A 125 20.95 2.76 1.70
C GLU A 125 20.32 1.38 1.82
N LEU A 126 20.97 0.37 1.22
CA LEU A 126 20.41 -0.99 1.29
C LEU A 126 20.36 -1.51 2.72
N VAL A 127 21.39 -1.26 3.51
CA VAL A 127 21.36 -1.72 4.90
C VAL A 127 20.30 -0.94 5.67
N ARG A 128 20.13 0.34 5.35
CA ARG A 128 19.03 1.11 5.94
C ARG A 128 17.69 0.55 5.48
N ILE A 129 17.60 0.11 4.23
CA ILE A 129 16.41 -0.60 3.80
C ILE A 129 16.32 -1.92 4.56
N LYS A 130 17.44 -2.65 4.67
CA LYS A 130 17.39 -3.95 5.32
C LYS A 130 17.02 -3.84 6.80
N ALA A 131 17.36 -2.71 7.45
CA ALA A 131 17.11 -2.59 8.88
C ALA A 131 15.64 -2.81 9.23
N LYS A 132 14.73 -2.44 8.32
CA LYS A 132 13.31 -2.56 8.56
C LYS A 132 12.71 -3.81 7.91
N LEU A 133 13.53 -4.64 7.27
CA LEU A 133 13.04 -5.81 6.57
C LEU A 133 13.12 -7.04 7.48
N ASN A 134 11.97 -7.71 7.64
CA ASN A 134 11.90 -8.92 8.46
C ASN A 134 12.65 -8.73 9.78
N TRP A 135 13.74 -9.49 9.97
CA TRP A 135 14.46 -9.51 11.24
C TRP A 135 15.57 -8.46 11.32
N GLY A 136 15.61 -7.51 10.40
CA GLY A 136 16.54 -6.41 10.48
C GLY A 136 17.97 -6.89 10.27
N LEU A 137 18.90 -6.00 10.61
CA LEU A 137 20.31 -6.21 10.29
C LEU A 137 20.95 -7.19 11.24
N THR A 138 21.92 -7.94 10.71
CA THR A 138 22.64 -8.90 11.53
C THR A 138 23.69 -8.23 12.40
N ASP A 139 24.32 -9.03 13.26
CA ASP A 139 25.31 -8.46 14.17
C ASP A 139 26.50 -7.91 13.41
N GLU A 140 27.03 -8.67 12.44
CA GLU A 140 28.13 -8.15 11.64
C GLU A 140 27.76 -6.82 11.02
N LEU A 141 26.58 -6.74 10.40
CA LEU A 141 26.17 -5.52 9.72
C LEU A 141 25.98 -4.37 10.69
N LYS A 142 25.51 -4.65 11.90
CA LYS A 142 25.40 -3.59 12.90
C LYS A 142 26.77 -3.05 13.26
N LYS A 143 27.76 -3.94 13.46
CA LYS A 143 29.10 -3.48 13.78
C LYS A 143 29.68 -2.64 12.65
N ALA A 144 29.49 -3.09 11.41
CA ALA A 144 30.08 -2.37 10.27
C ALA A 144 29.39 -1.02 10.04
N PHE A 145 28.09 -0.94 10.33
CA PHE A 145 27.31 0.29 10.13
C PHE A 145 26.70 0.72 11.46
N PRO A 146 27.55 1.11 12.42
CA PRO A 146 27.07 1.36 13.78
C PRO A 146 26.17 2.58 13.91
N GLU A 147 25.92 3.32 12.82
CA GLU A 147 25.05 4.49 12.87
C GLU A 147 23.68 4.23 12.25
N ILE A 148 23.54 3.22 11.39
CA ILE A 148 22.24 2.81 10.88
C ILE A 148 21.52 2.06 12.00
N ILE A 149 20.61 2.74 12.70
CA ILE A 149 19.97 2.15 13.87
C ILE A 149 18.45 2.14 13.79
N SER A 150 17.82 2.95 12.93
CA SER A 150 16.37 3.08 12.90
C SER A 150 15.67 1.85 12.32
N LYS A 151 15.30 0.89 13.16
CA LYS A 151 14.57 -0.31 12.74
C LYS A 151 13.05 -0.14 12.74
N GLU A 152 12.53 1.04 13.06
CA GLU A 152 11.09 1.27 13.16
C GLU A 152 10.40 1.11 11.80
N ARG A 153 9.11 0.79 11.84
CA ARG A 153 8.38 0.49 10.61
C ARG A 153 6.98 1.12 10.65
N SER A 154 6.34 1.16 9.48
CA SER A 154 5.01 1.75 9.34
C SER A 154 3.92 0.69 9.30
N LEU A 155 2.76 1.03 9.88
CA LEU A 155 1.65 0.08 9.93
C LEU A 155 1.00 -0.07 8.55
N ILE A 156 0.62 -1.30 8.21
CA ILE A 156 -0.12 -1.59 6.98
C ILE A 156 -1.58 -1.82 7.34
N ASN A 157 -2.48 -1.14 6.63
CA ASN A 157 -3.91 -1.30 6.83
C ASN A 157 -4.58 -1.28 5.46
N LYS A 158 -5.27 -2.37 5.12
CA LYS A 158 -5.80 -2.62 3.79
C LYS A 158 -7.02 -3.51 3.94
N ASN A 159 -8.18 -3.09 3.41
CA ASN A 159 -9.33 -3.98 3.38
C ASN A 159 -9.00 -5.20 2.52
N ILE A 160 -9.71 -6.30 2.75
CA ILE A 160 -9.56 -7.45 1.86
C ILE A 160 -9.90 -7.00 0.44
N PRO A 161 -8.97 -7.12 -0.51
CA PRO A 161 -9.19 -6.50 -1.84
C PRO A 161 -10.04 -7.33 -2.77
N ASN A 162 -10.11 -8.64 -2.58
CA ASN A 162 -10.90 -9.50 -3.45
C ASN A 162 -11.24 -10.76 -2.67
N PHE A 163 -12.37 -11.36 -3.03
CA PHE A 163 -12.79 -12.60 -2.40
C PHE A 163 -11.72 -13.67 -2.51
N LYS A 164 -11.13 -13.82 -3.70
CA LYS A 164 -10.15 -14.89 -3.89
C LYS A 164 -8.91 -14.67 -3.03
N TRP A 165 -8.66 -13.44 -2.56
CA TRP A 165 -7.55 -13.23 -1.64
C TRP A 165 -7.71 -14.09 -0.40
N LEU A 166 -8.89 -14.01 0.21
CA LEU A 166 -9.13 -14.76 1.44
C LEU A 166 -9.03 -16.26 1.20
N ALA A 167 -9.57 -16.73 0.08
CA ALA A 167 -9.46 -18.16 -0.24
C ALA A 167 -8.00 -18.59 -0.28
N GLY A 168 -7.15 -17.81 -0.95
CA GLY A 168 -5.72 -18.13 -0.94
C GLY A 168 -5.13 -18.02 0.45
N PHE A 169 -5.35 -16.89 1.14
CA PHE A 169 -4.79 -16.68 2.46
C PHE A 169 -5.18 -17.81 3.40
N THR A 170 -6.46 -18.21 3.35
CA THR A 170 -6.94 -19.26 4.23
C THR A 170 -6.35 -20.61 3.84
N SER A 171 -6.10 -20.82 2.55
CA SER A 171 -5.37 -22.03 2.21
C SER A 171 -3.98 -22.03 2.84
N GLY A 172 -3.51 -20.87 3.30
CA GLY A 172 -2.27 -20.83 4.04
C GLY A 172 -2.46 -21.02 5.52
N GLU A 173 -3.18 -20.09 6.18
CA GLU A 173 -3.19 -20.03 7.64
C GLU A 173 -4.39 -20.72 8.27
N GLY A 174 -5.27 -21.32 7.48
CA GLY A 174 -6.50 -21.87 8.00
C GLY A 174 -6.39 -23.27 8.55
N CYS A 175 -7.42 -23.65 9.30
CA CYS A 175 -7.56 -25.00 9.82
C CYS A 175 -9.04 -25.31 9.99
N PHE A 176 -9.49 -26.37 9.32
CA PHE A 176 -10.86 -26.85 9.43
C PHE A 176 -10.85 -28.05 10.38
N PHE A 177 -11.31 -27.84 11.61
CA PHE A 177 -11.18 -28.82 12.67
C PHE A 177 -12.52 -29.41 13.09
N VAL A 178 -12.48 -30.69 13.45
CA VAL A 178 -13.61 -31.42 14.02
C VAL A 178 -13.23 -31.77 15.44
N ASN A 179 -13.76 -31.01 16.41
CA ASN A 179 -13.45 -31.26 17.81
C ASN A 179 -14.48 -32.21 18.39
N LEU A 180 -14.00 -33.21 19.14
CA LEU A 180 -14.84 -34.16 19.85
C LEU A 180 -14.60 -33.98 21.34
N LEU A 181 -15.62 -33.48 22.04
CA LEU A 181 -15.52 -33.15 23.46
C LEU A 181 -16.40 -34.09 24.27
N LYS A 182 -15.95 -34.43 25.47
CA LYS A 182 -16.74 -35.29 26.36
C LYS A 182 -17.95 -34.54 26.87
N SER A 183 -19.13 -35.16 26.71
CA SER A 183 -20.39 -34.58 27.17
C SER A 183 -21.12 -35.60 28.04
N LYS A 184 -21.85 -35.07 29.02
CA LYS A 184 -22.72 -35.88 29.87
C LYS A 184 -23.88 -36.35 29.00
N SER A 185 -23.84 -37.61 28.60
CA SER A 185 -24.76 -38.12 27.60
C SER A 185 -24.58 -39.63 27.46
N LYS A 186 -25.52 -40.25 26.76
CA LYS A 186 -25.35 -41.65 26.36
C LYS A 186 -24.09 -41.81 25.53
N LEU A 187 -23.95 -40.99 24.50
CA LEU A 187 -22.79 -41.02 23.59
C LEU A 187 -21.50 -40.66 24.31
N VAL A 189 -20.22 -37.31 24.45
CA VAL A 189 -19.39 -36.92 23.30
C VAL A 189 -20.12 -35.88 22.43
N GLN A 190 -19.68 -34.63 22.54
CA GLN A 190 -20.18 -33.56 21.68
C GLN A 190 -19.30 -33.43 20.45
N VAL A 191 -19.95 -33.19 19.31
CA VAL A 191 -19.29 -32.92 18.04
C VAL A 191 -19.38 -31.43 17.79
N CYS A 192 -18.26 -30.81 17.39
CA CYS A 192 -18.21 -29.37 17.16
C CYS A 192 -17.25 -29.04 16.03
N LEU A 193 -17.78 -28.42 14.97
CA LEU A 193 -16.95 -27.86 13.91
C LEU A 193 -16.33 -26.55 14.40
N VAL A 194 -15.01 -26.43 14.25
CA VAL A 194 -14.27 -25.24 14.65
C VAL A 194 -13.40 -24.81 13.48
N PHE A 195 -13.63 -23.60 12.98
CA PHE A 195 -12.80 -22.97 11.97
C PHE A 195 -11.90 -21.92 12.64
N SER A 196 -10.61 -21.99 12.35
CA SER A 196 -9.63 -21.17 13.03
C SER A 196 -8.58 -20.67 12.05
N ILE A 197 -8.18 -19.41 12.22
CA ILE A 197 -7.08 -18.80 11.49
C ILE A 197 -6.25 -18.01 12.47
N GLY A 198 -4.96 -18.30 12.55
CA GLY A 198 -4.09 -17.62 13.47
C GLY A 198 -3.21 -16.58 12.77
N GLN A 199 -2.73 -15.62 13.55
CA GLN A 199 -1.83 -14.65 12.96
C GLN A 199 -1.15 -13.89 14.09
N HIS A 200 0.11 -13.51 13.88
CA HIS A 200 0.79 -12.66 14.84
C HIS A 200 -0.03 -11.40 15.04
N ILE A 201 0.14 -10.76 16.20
CA ILE A 201 -0.71 -9.65 16.55
C ILE A 201 -0.40 -8.38 15.77
N ARG A 202 0.71 -8.31 15.01
CA ARG A 202 0.88 -7.13 14.17
C ARG A 202 -0.31 -6.94 13.26
N ASP A 203 -0.91 -8.04 12.82
CA ASP A 203 -2.10 -7.92 12.00
C ASP A 203 -3.37 -8.15 12.81
N LYS A 204 -3.42 -7.61 14.05
CA LYS A 204 -4.65 -7.66 14.85
C LYS A 204 -5.82 -7.06 14.11
N ASN A 205 -5.59 -5.97 13.41
CA ASN A 205 -6.72 -5.32 12.77
C ASN A 205 -7.26 -6.18 11.63
N LEU A 206 -6.38 -6.79 10.83
CA LEU A 206 -6.86 -7.66 9.76
C LEU A 206 -7.61 -8.85 10.33
N MET A 207 -7.18 -9.36 11.47
CA MET A 207 -7.92 -10.43 12.10
C MET A 207 -9.34 -9.97 12.47
N ASN A 208 -9.49 -8.73 12.92
CA ASN A 208 -10.84 -8.33 13.31
C ASN A 208 -11.70 -8.08 12.08
N SER A 209 -11.10 -7.55 11.01
CA SER A 209 -11.69 -7.45 9.67
C SER A 209 -12.46 -8.69 9.27
N LEU A 210 -11.93 -9.87 9.61
CA LEU A 210 -12.57 -11.09 9.19
C LEU A 210 -13.97 -11.23 9.82
N ILE A 211 -14.11 -10.83 11.09
CA ILE A 211 -15.44 -10.88 11.69
C ILE A 211 -16.44 -10.14 10.81
N THR A 212 -16.11 -8.89 10.45
CA THR A 212 -17.03 -8.11 9.62
C THR A 212 -17.11 -8.64 8.21
N TYR A 213 -15.97 -9.07 7.65
CA TYR A 213 -15.96 -9.54 6.28
C TYR A 213 -16.74 -10.84 6.14
N LEU A 214 -16.68 -11.70 7.16
CA LEU A 214 -17.35 -12.99 7.07
C LEU A 214 -18.71 -13.00 7.71
N GLY A 215 -18.97 -12.09 8.66
CA GLY A 215 -20.26 -12.01 9.33
C GLY A 215 -20.43 -12.98 10.48
N CYS A 216 -19.34 -13.29 11.19
CA CYS A 216 -19.37 -14.29 12.24
C CYS A 216 -17.96 -14.40 12.82
N GLY A 217 -17.83 -15.14 13.89
CA GLY A 217 -16.55 -15.47 14.48
C GLY A 217 -16.18 -14.54 15.62
N TYR A 218 -15.08 -14.90 16.27
CA TYR A 218 -14.54 -14.10 17.36
C TYR A 218 -13.02 -14.27 17.34
N ILE A 219 -12.34 -13.43 18.11
CA ILE A 219 -10.89 -13.43 18.18
C ILE A 219 -10.48 -13.95 19.55
N LEU A 220 -9.55 -14.90 19.56
CA LEU A 220 -8.94 -15.36 20.78
C LEU A 220 -7.46 -14.98 20.81
N LYS A 221 -6.98 -14.58 21.98
CA LYS A 221 -5.59 -14.25 22.18
C LYS A 221 -4.91 -15.45 22.81
N LYS A 222 -3.79 -15.88 22.23
CA LYS A 222 -3.04 -17.02 22.74
C LYS A 222 -1.58 -16.64 22.97
N ASN A 223 -0.99 -17.23 24.00
CA ASN A 223 0.36 -16.87 24.41
C ASN A 223 1.16 -18.14 24.66
N LYS A 224 2.47 -18.06 24.42
CA LYS A 224 3.42 -19.16 24.65
C LYS A 224 4.73 -18.52 25.09
N SER A 225 4.81 -18.18 26.39
CA SER A 225 5.98 -17.50 26.94
C SER A 225 6.08 -16.09 26.36
N GLU A 226 7.19 -15.77 25.69
CA GLU A 226 7.37 -14.46 25.09
C GLU A 226 6.60 -14.30 23.78
N PHE A 227 6.28 -15.39 23.10
CA PHE A 227 5.54 -15.33 21.85
C PHE A 227 4.03 -15.33 22.11
N SER A 228 3.29 -14.78 21.15
CA SER A 228 1.84 -14.67 21.29
C SER A 228 1.22 -14.39 19.93
N TRP A 229 0.09 -15.04 19.65
CA TRP A 229 -0.60 -14.86 18.39
C TRP A 229 -2.08 -14.61 18.65
N LEU A 230 -2.83 -14.38 17.58
CA LEU A 230 -4.26 -14.16 17.64
C LEU A 230 -4.94 -15.18 16.75
N GLU A 231 -6.06 -15.72 17.20
CA GLU A 231 -6.80 -16.71 16.41
C GLU A 231 -8.20 -16.19 16.15
N PHE A 232 -8.65 -16.34 14.90
CA PHE A 232 -10.02 -16.01 14.50
C PHE A 232 -10.77 -17.32 14.40
N CYS A 233 -11.79 -17.48 15.25
CA CYS A 233 -12.50 -18.75 15.38
C CYS A 233 -13.97 -18.60 14.99
N VAL A 234 -14.55 -19.71 14.57
CA VAL A 234 -15.97 -19.77 14.27
C VAL A 234 -16.48 -21.12 14.74
N THR A 235 -17.29 -21.10 15.78
CA THR A 235 -17.81 -22.28 16.42
C THR A 235 -19.33 -22.29 16.49
N LYS A 236 -20.01 -21.21 16.11
CA LYS A 236 -21.46 -21.31 15.95
C LYS A 236 -21.78 -22.08 14.67
N PHE A 237 -22.59 -23.14 14.80
CA PHE A 237 -22.84 -24.01 13.65
C PHE A 237 -23.60 -23.29 12.54
N SER A 238 -24.60 -22.49 12.89
CA SER A 238 -25.24 -21.55 11.97
C SER A 238 -24.23 -20.94 11.01
N ASP A 239 -23.35 -20.13 11.58
CA ASP A 239 -22.38 -19.41 10.77
C ASP A 239 -21.59 -20.37 9.90
N ILE A 240 -21.23 -21.53 10.43
CA ILE A 240 -20.47 -22.49 9.62
C ILE A 240 -21.33 -23.02 8.48
N ARG A 241 -22.56 -23.45 8.79
CA ARG A 241 -23.38 -24.05 7.75
C ARG A 241 -23.72 -23.06 6.66
N ASP A 242 -23.91 -21.78 7.04
CA ASP A 242 -24.43 -20.79 6.12
C ASP A 242 -23.38 -19.82 5.59
N LYS A 243 -22.30 -19.60 6.33
CA LYS A 243 -21.33 -18.57 5.99
C LYS A 243 -19.98 -19.20 5.62
N ILE A 244 -19.31 -19.82 6.57
CA ILE A 244 -17.95 -20.31 6.31
C ILE A 244 -17.97 -21.30 5.16
N ILE A 245 -18.84 -22.29 5.21
CA ILE A 245 -18.83 -23.35 4.20
C ILE A 245 -19.21 -22.77 2.82
N PRO A 246 -20.35 -22.10 2.67
CA PRO A 246 -20.70 -21.54 1.35
C PRO A 246 -19.62 -20.66 0.74
N PHE A 247 -18.93 -19.84 1.55
CA PHE A 247 -17.90 -18.96 1.00
C PHE A 247 -16.78 -19.77 0.35
N PHE A 248 -16.14 -20.66 1.12
CA PHE A 248 -15.05 -21.42 0.55
C PHE A 248 -15.51 -22.44 -0.49
N GLN A 249 -16.81 -22.70 -0.56
CA GLN A 249 -17.32 -23.49 -1.67
C GLN A 249 -17.43 -22.67 -2.94
N GLU A 250 -17.74 -21.38 -2.81
CA GLU A 250 -17.78 -20.50 -3.96
C GLU A 250 -16.38 -20.13 -4.41
N TYR A 251 -15.47 -19.92 -3.47
CA TYR A 251 -14.10 -19.55 -3.78
C TYR A 251 -13.18 -20.69 -3.33
N THR A 252 -13.00 -21.66 -4.25
CA THR A 252 -12.35 -22.92 -3.96
C THR A 252 -10.94 -22.71 -3.38
N LEU A 253 -10.58 -23.57 -2.45
CA LEU A 253 -9.23 -23.61 -1.89
C LEU A 253 -8.31 -24.43 -2.77
N ILE A 254 -7.01 -24.38 -2.45
CA ILE A 254 -5.96 -25.08 -3.20
C ILE A 254 -5.06 -25.83 -2.23
N GLY A 255 -4.42 -26.89 -2.74
CA GLY A 255 -3.52 -27.68 -1.93
C GLY A 255 -4.24 -28.68 -1.04
N THR A 256 -3.46 -29.34 -0.17
CA THR A 256 -4.07 -30.39 0.65
C THR A 256 -5.16 -29.88 1.57
N LYS A 257 -5.15 -28.59 1.93
CA LYS A 257 -6.21 -28.10 2.82
C LYS A 257 -7.60 -28.18 2.18
N LEU A 258 -7.68 -28.21 0.85
CA LEU A 258 -8.98 -28.40 0.20
C LEU A 258 -9.60 -29.72 0.61
N LYS A 259 -8.79 -30.79 0.60
CA LYS A 259 -9.29 -32.09 1.03
C LYS A 259 -9.80 -32.04 2.47
N ASP A 260 -8.99 -31.46 3.37
CA ASP A 260 -9.45 -31.32 4.76
C ASP A 260 -10.74 -30.52 4.83
N PHE A 261 -10.87 -29.50 3.98
CA PHE A 261 -12.12 -28.75 3.90
C PHE A 261 -13.28 -29.65 3.45
N GLU A 262 -13.07 -30.40 2.36
CA GLU A 262 -14.12 -31.25 1.81
C GLU A 262 -14.56 -32.31 2.81
N ASP A 263 -13.61 -32.85 3.58
CA ASP A 263 -14.01 -33.74 4.67
C ASP A 263 -14.75 -32.96 5.75
N TRP A 264 -14.25 -31.77 6.13
CA TRP A 264 -14.93 -30.92 7.11
C TRP A 264 -16.41 -30.78 6.78
N CYS A 265 -16.73 -30.56 5.49
CA CYS A 265 -18.12 -30.34 5.11
C CYS A 265 -18.92 -31.63 5.16
N LYS A 266 -18.26 -32.76 4.91
CA LYS A 266 -18.90 -34.06 5.10
C LYS A 266 -19.45 -34.19 6.53
N VAL A 267 -18.65 -33.83 7.53
CA VAL A 267 -19.15 -33.83 8.89
C VAL A 267 -20.24 -32.78 9.06
N ALA A 268 -20.10 -31.64 8.39
CA ALA A 268 -21.12 -30.61 8.49
C ALA A 268 -22.48 -31.16 8.04
N LYS A 269 -22.53 -31.86 6.90
CA LYS A 269 -23.80 -32.42 6.44
C LYS A 269 -24.41 -33.30 7.51
N LEU A 270 -23.61 -34.21 8.08
CA LEU A 270 -24.15 -35.09 9.11
C LEU A 270 -24.74 -34.26 10.25
N ILE A 271 -24.02 -33.22 10.70
CA ILE A 271 -24.55 -32.46 11.84
C ILE A 271 -25.80 -31.69 11.44
N GLU A 272 -26.00 -31.41 10.14
CA GLU A 272 -27.25 -30.80 9.71
C GLU A 272 -28.41 -31.80 9.75
N GLU A 273 -28.13 -33.09 9.53
CA GLU A 273 -29.16 -34.11 9.58
C GLU A 273 -29.39 -34.65 10.99
N LYS A 274 -28.77 -34.04 12.00
CA LYS A 274 -28.88 -34.43 13.41
C LYS A 274 -28.30 -35.82 13.66
N LYS A 275 -27.63 -36.42 12.67
CA LYS A 275 -27.02 -37.74 12.76
C LYS A 275 -25.74 -37.76 13.60
N HIS A 276 -25.26 -36.59 14.06
CA HIS A 276 -24.12 -36.54 14.97
C HIS A 276 -24.49 -36.94 16.38
N LEU A 277 -25.78 -37.10 16.65
CA LEU A 277 -26.28 -37.54 17.94
C LEU A 277 -26.61 -39.03 17.97
N THR A 278 -26.54 -39.70 16.81
CA THR A 278 -26.83 -41.12 16.68
C THR A 278 -25.57 -41.95 16.91
N GLU A 279 -25.73 -43.28 16.91
CA GLU A 279 -24.57 -44.17 17.06
C GLU A 279 -23.76 -44.20 15.77
N GLU A 280 -24.37 -44.62 14.66
CA GLU A 280 -23.65 -44.67 13.40
C GLU A 280 -23.12 -43.29 13.02
N GLY A 281 -23.85 -42.23 13.38
CA GLY A 281 -23.41 -40.87 13.10
C GLY A 281 -22.04 -40.60 13.70
N LEU A 282 -21.95 -40.57 15.04
CA LEU A 282 -20.65 -40.38 15.67
C LEU A 282 -19.61 -41.39 15.15
N ASP A 283 -20.05 -42.55 14.66
CA ASP A 283 -19.10 -43.49 14.06
C ASP A 283 -18.58 -42.98 12.71
N GLU A 284 -19.47 -42.49 11.84
CA GLU A 284 -19.03 -41.96 10.54
C GLU A 284 -18.17 -40.72 10.70
N ILE A 285 -18.63 -39.75 11.49
CA ILE A 285 -17.84 -38.53 11.72
C ILE A 285 -16.51 -38.90 12.36
N LYS A 286 -16.53 -39.74 13.40
CA LYS A 286 -15.29 -40.15 14.03
C LYS A 286 -14.28 -40.62 13.00
N LYS A 287 -14.72 -41.42 12.02
CA LYS A 287 -13.80 -41.90 11.00
C LYS A 287 -13.29 -40.77 10.11
N ILE A 288 -14.15 -39.77 9.85
CA ILE A 288 -13.75 -38.62 9.02
C ILE A 288 -12.65 -37.82 9.72
N LYS A 289 -12.89 -37.44 10.98
CA LYS A 289 -11.85 -36.79 11.77
C LYS A 289 -10.55 -37.59 11.72
N LEU A 290 -10.66 -38.91 11.84
CA LEU A 290 -9.46 -39.74 11.94
C LEU A 290 -8.57 -39.59 10.72
N ASN A 291 -9.16 -39.49 9.53
CA ASN A 291 -8.41 -39.42 8.28
C ASN A 291 -8.17 -37.98 7.82
N MET A 292 -8.29 -37.00 8.72
CA MET A 292 -8.13 -35.58 8.42
C MET A 292 -6.90 -35.00 9.10
N ASN A 293 -6.40 -33.90 8.54
CA ASN A 293 -5.29 -33.12 9.10
C ASN A 293 -4.12 -34.09 9.27
N LYS A 294 -3.48 -34.13 10.43
CA LYS A 294 -2.53 -35.19 10.75
C LYS A 294 -3.20 -36.52 10.49
N GLY A 295 -2.80 -37.20 9.43
CA GLY A 295 -3.41 -38.45 9.07
C GLY A 295 -3.80 -38.39 7.61
N ARG A 296 -5.00 -38.87 7.28
CA ARG A 296 -5.47 -38.79 5.90
C ARG A 296 -4.73 -39.79 5.01
N ALA B 2 -22.40 20.41 -10.10
CA ALA B 2 -21.06 20.13 -10.62
C ALA B 2 -21.05 18.77 -11.37
N SER B 3 -19.98 18.49 -12.16
CA SER B 3 -19.86 17.24 -12.90
C SER B 3 -18.76 16.34 -12.31
N SER B 4 -18.77 15.07 -12.73
CA SER B 4 -18.04 13.99 -12.08
C SER B 4 -16.57 13.98 -12.49
N ILE B 5 -15.75 13.43 -11.59
CA ILE B 5 -14.30 13.39 -11.76
C ILE B 5 -13.85 11.93 -11.74
N ASN B 6 -12.91 11.60 -12.61
CA ASN B 6 -12.44 10.23 -12.69
C ASN B 6 -11.72 9.81 -11.41
N PRO B 7 -11.96 8.60 -10.91
CA PRO B 7 -11.41 8.22 -9.60
C PRO B 7 -9.91 8.15 -9.57
N TRP B 8 -9.29 7.80 -10.70
CA TRP B 8 -7.84 7.81 -10.80
C TRP B 8 -7.31 9.22 -10.87
N ILE B 9 -8.02 10.11 -11.58
CA ILE B 9 -7.64 11.51 -11.57
C ILE B 9 -7.68 12.05 -10.15
N LEU B 10 -8.69 11.63 -9.40
CA LEU B 10 -8.86 12.10 -8.03
C LEU B 10 -7.75 11.60 -7.12
N THR B 11 -7.43 10.30 -7.18
CA THR B 11 -6.38 9.77 -6.33
C THR B 11 -5.06 10.48 -6.60
N GLY B 12 -4.73 10.66 -7.88
CA GLY B 12 -3.55 11.43 -8.23
C GLY B 12 -3.59 12.83 -7.64
N PHE B 13 -4.71 13.53 -7.85
CA PHE B 13 -4.80 14.87 -7.29
C PHE B 13 -4.66 14.83 -5.77
N ALA B 14 -5.26 13.84 -5.11
CA ALA B 14 -5.18 13.81 -3.65
C ALA B 14 -3.76 13.53 -3.17
N ASP B 15 -3.05 12.61 -3.85
CA ASP B 15 -1.66 12.30 -3.52
C ASP B 15 -0.79 13.55 -3.60
N ALA B 16 -1.23 14.55 -4.35
CA ALA B 16 -0.52 15.82 -4.48
C ALA B 16 -0.92 16.80 -3.40
N GLU B 17 -2.20 17.19 -3.39
CA GLU B 17 -2.71 18.28 -2.56
C GLU B 17 -3.50 17.81 -1.34
N GLY B 18 -3.83 16.53 -1.24
CA GLY B 18 -4.65 16.04 -0.16
C GLY B 18 -3.89 16.06 1.16
N SER B 19 -4.59 15.67 2.22
CA SER B 19 -3.95 15.52 3.52
C SER B 19 -4.90 14.76 4.43
N PHE B 20 -4.35 13.92 5.30
CA PHE B 20 -5.11 13.13 6.28
C PHE B 20 -4.73 13.58 7.68
N GLY B 21 -5.71 13.69 8.57
CA GLY B 21 -5.47 14.26 9.88
C GLY B 21 -6.07 13.46 11.01
N LEU B 22 -5.42 13.56 12.17
CA LEU B 22 -5.89 12.89 13.38
C LEU B 22 -5.64 13.83 14.56
N ARG B 23 -6.71 14.38 15.11
CA ARG B 23 -6.62 15.33 16.21
C ARG B 23 -7.03 14.65 17.50
N ILE B 24 -6.14 14.67 18.47
CA ILE B 24 -6.39 14.09 19.79
C ILE B 24 -6.35 15.24 20.80
N ARG B 25 -7.51 15.86 21.06
CA ARG B 25 -7.58 17.09 21.84
C ARG B 25 -8.02 16.82 23.28
N LYS B 26 -7.36 17.50 24.22
CA LYS B 26 -7.78 17.45 25.61
C LYS B 26 -9.19 18.00 25.72
N ARG B 27 -10.05 17.25 26.38
CA ARG B 27 -11.45 17.62 26.56
C ARG B 27 -11.87 17.15 27.95
N ASN B 28 -12.13 18.10 28.84
CA ASN B 28 -12.44 17.73 30.22
C ASN B 28 -13.74 16.96 30.30
N LYS B 29 -14.72 17.33 29.48
CA LYS B 29 -16.01 16.67 29.62
C LYS B 29 -16.02 15.32 28.90
N SER B 30 -14.85 14.71 28.71
CA SER B 30 -14.73 13.42 28.05
C SER B 30 -14.36 12.36 29.07
N SER B 31 -15.14 11.27 29.10
CA SER B 31 -14.85 10.18 30.03
C SER B 31 -13.35 9.86 30.06
N VAL B 32 -12.70 9.74 28.89
CA VAL B 32 -11.28 9.39 28.84
C VAL B 32 -10.36 10.62 28.87
N GLY B 33 -10.92 11.83 28.83
CA GLY B 33 -10.12 13.04 28.90
C GLY B 33 -9.64 13.59 27.57
N TYR B 34 -9.95 12.92 26.47
CA TYR B 34 -9.55 13.34 25.14
C TYR B 34 -10.68 13.06 24.19
N SER B 35 -10.94 14.01 23.29
CA SER B 35 -11.78 13.75 22.14
C SER B 35 -10.92 13.50 20.90
N THR B 36 -11.52 12.83 19.92
CA THR B 36 -10.79 12.39 18.74
C THR B 36 -11.52 12.84 17.49
N GLU B 37 -10.78 13.35 16.52
CA GLU B 37 -11.37 13.84 15.28
C GLU B 37 -10.56 13.33 14.11
N LEU B 38 -11.25 12.74 13.14
CA LEU B 38 -10.64 12.23 11.93
C LEU B 38 -11.06 13.07 10.75
N GLY B 39 -10.18 13.18 9.76
CA GLY B 39 -10.53 14.02 8.62
C GLY B 39 -9.60 13.84 7.44
N PHE B 40 -10.13 14.21 6.28
CA PHE B 40 -9.36 14.35 5.06
C PHE B 40 -9.78 15.67 4.40
N GLU B 41 -8.79 16.48 3.97
CA GLU B 41 -9.08 17.78 3.37
C GLU B 41 -8.16 18.06 2.19
N ILE B 42 -8.64 18.93 1.30
CA ILE B 42 -7.83 19.49 0.21
C ILE B 42 -7.99 21.01 0.27
N LYS B 43 -6.88 21.72 0.40
CA LYS B 43 -6.86 23.16 0.51
C LYS B 43 -6.16 23.76 -0.70
N LEU B 44 -6.85 24.67 -1.39
CA LEU B 44 -6.32 25.29 -2.60
C LEU B 44 -6.60 26.78 -2.56
N HIS B 45 -5.90 27.50 -3.42
CA HIS B 45 -6.25 28.89 -3.67
C HIS B 45 -7.70 28.95 -4.12
N ASN B 46 -8.33 30.12 -3.93
CA ASN B 46 -9.73 30.28 -4.25
C ASN B 46 -9.99 30.18 -5.74
N LYS B 47 -8.93 30.21 -6.57
CA LYS B 47 -9.11 30.09 -8.02
C LYS B 47 -9.67 28.73 -8.39
N ASP B 48 -9.29 27.69 -7.66
CA ASP B 48 -9.62 26.32 -7.97
C ASP B 48 -10.77 25.75 -7.12
N LYS B 49 -11.63 26.60 -6.53
CA LYS B 49 -12.78 26.07 -5.82
C LYS B 49 -13.63 25.18 -6.73
N SER B 50 -13.50 25.34 -8.05
CA SER B 50 -14.22 24.46 -8.96
C SER B 50 -13.79 23.00 -8.79
N ILE B 51 -12.49 22.74 -8.70
CA ILE B 51 -12.01 21.38 -8.44
C ILE B 51 -12.72 20.80 -7.22
N LEU B 52 -12.74 21.57 -6.14
CA LEU B 52 -13.27 21.06 -4.89
C LEU B 52 -14.77 20.74 -5.00
N GLU B 53 -15.51 21.56 -5.76
CA GLU B 53 -16.94 21.33 -5.93
C GLU B 53 -17.22 20.03 -6.67
N ASN B 54 -16.36 19.68 -7.64
CA ASN B 54 -16.57 18.46 -8.39
C ASN B 54 -16.19 17.23 -7.57
N ILE B 55 -15.05 17.29 -6.88
CA ILE B 55 -14.68 16.20 -5.98
C ILE B 55 -15.82 15.93 -5.02
N GLN B 56 -16.37 17.00 -4.44
CA GLN B 56 -17.50 16.85 -3.53
C GLN B 56 -18.69 16.23 -4.25
N SER B 57 -19.00 16.71 -5.45
CA SER B 57 -20.11 16.12 -6.19
C SER B 57 -19.85 14.66 -6.51
N THR B 58 -18.59 14.30 -6.74
CA THR B 58 -18.27 12.91 -7.06
C THR B 58 -18.40 12.01 -5.84
N TRP B 59 -17.86 12.45 -4.70
CA TRP B 59 -17.94 11.65 -3.47
C TRP B 59 -19.29 11.78 -2.79
N GLY B 60 -19.99 12.90 -3.00
CA GLY B 60 -21.19 13.15 -2.22
C GLY B 60 -20.92 13.32 -0.74
N VAL B 61 -19.78 13.91 -0.38
CA VAL B 61 -19.40 14.08 1.01
C VAL B 61 -18.47 15.29 1.11
N GLY B 62 -18.32 15.80 2.34
CA GLY B 62 -17.42 16.90 2.63
C GLY B 62 -18.12 18.25 2.61
N VAL B 63 -17.49 19.22 3.27
CA VAL B 63 -17.99 20.59 3.34
C VAL B 63 -16.94 21.52 2.76
N ILE B 64 -17.35 22.37 1.82
CA ILE B 64 -16.45 23.32 1.17
C ILE B 64 -16.50 24.65 1.91
N ALA B 65 -15.35 25.11 2.38
CA ALA B 65 -15.32 26.31 3.20
C ALA B 65 -14.06 27.12 2.92
N ASN B 66 -14.15 28.42 3.15
CA ASN B 66 -13.00 29.29 3.03
C ASN B 66 -11.99 28.94 4.10
N SER B 67 -10.70 29.05 3.75
CA SER B 67 -9.61 29.01 4.72
C SER B 67 -8.85 30.32 4.52
N GLY B 68 -9.41 31.41 5.05
CA GLY B 68 -8.83 32.72 4.91
C GLY B 68 -9.28 33.42 3.65
N SER B 69 -8.68 34.60 3.41
CA SER B 69 -9.10 35.44 2.31
C SER B 69 -8.79 34.83 0.95
N ASN B 70 -7.70 34.07 0.83
CA ASN B 70 -7.21 33.60 -0.46
C ASN B 70 -7.28 32.09 -0.65
N ALA B 71 -7.79 31.33 0.31
CA ALA B 71 -7.77 29.87 0.21
C ALA B 71 -9.14 29.26 0.52
N VAL B 72 -9.42 28.11 -0.12
CA VAL B 72 -10.65 27.36 0.05
C VAL B 72 -10.27 25.91 0.26
N ARG B 73 -11.10 25.17 1.02
CA ARG B 73 -10.78 23.80 1.41
C ARG B 73 -12.03 22.94 1.38
N LEU B 74 -11.88 21.71 0.92
CA LEU B 74 -12.89 20.68 1.10
C LEU B 74 -12.42 19.72 2.18
N ARG B 75 -13.25 19.53 3.19
CA ARG B 75 -12.85 18.77 4.36
C ARG B 75 -13.98 17.82 4.75
N VAL B 76 -13.62 16.58 5.04
CA VAL B 76 -14.57 15.56 5.47
C VAL B 76 -14.15 15.09 6.84
N THR B 77 -15.05 15.27 7.82
CA THR B 77 -14.81 14.87 9.19
C THR B 77 -15.89 13.95 9.74
N ARG B 78 -17.10 13.98 9.17
CA ARG B 78 -18.20 13.18 9.66
C ARG B 78 -17.91 11.69 9.54
N PHE B 79 -17.90 11.01 10.69
CA PHE B 79 -17.37 9.65 10.77
C PHE B 79 -17.97 8.73 9.71
N GLU B 80 -19.29 8.73 9.57
CA GLU B 80 -19.90 7.87 8.56
C GLU B 80 -19.39 8.24 7.17
N ASP B 81 -19.15 9.53 6.91
CA ASP B 81 -18.74 9.93 5.57
C ASP B 81 -17.32 9.50 5.24
N LEU B 82 -16.46 9.30 6.24
CA LEU B 82 -15.10 8.86 5.95
C LEU B 82 -15.09 7.51 5.23
N LYS B 83 -16.11 6.69 5.45
CA LYS B 83 -16.20 5.39 4.78
C LYS B 83 -16.13 5.56 3.28
N VAL B 84 -16.74 6.63 2.76
CA VAL B 84 -16.68 6.85 1.32
C VAL B 84 -15.27 7.18 0.89
N ILE B 85 -14.56 7.95 1.71
CA ILE B 85 -13.14 8.20 1.48
C ILE B 85 -12.36 6.90 1.46
N ILE B 86 -12.51 6.11 2.55
CA ILE B 86 -11.78 4.85 2.69
C ILE B 86 -12.05 3.94 1.50
N ASP B 87 -13.33 3.68 1.21
CA ASP B 87 -13.65 2.83 0.08
C ASP B 87 -13.04 3.37 -1.21
N HIS B 88 -12.96 4.70 -1.35
CA HIS B 88 -12.38 5.23 -2.57
C HIS B 88 -10.90 4.89 -2.64
N PHE B 89 -10.17 5.19 -1.57
CA PHE B 89 -8.74 4.93 -1.52
C PHE B 89 -8.41 3.46 -1.39
N GLU B 90 -9.38 2.61 -1.02
CA GLU B 90 -9.14 1.18 -1.08
C GLU B 90 -9.23 0.69 -2.52
N LYS B 91 -10.17 1.24 -3.30
CA LYS B 91 -10.25 0.85 -4.70
C LYS B 91 -9.26 1.62 -5.58
N TYR B 92 -8.78 2.79 -5.14
CA TYR B 92 -7.83 3.60 -5.91
C TYR B 92 -6.73 4.12 -4.99
N PRO B 93 -5.76 3.27 -4.66
CA PRO B 93 -4.77 3.62 -3.62
C PRO B 93 -3.83 4.72 -4.05
N LEU B 94 -3.30 5.42 -3.04
CA LEU B 94 -2.24 6.37 -3.33
C LEU B 94 -0.90 5.64 -3.43
N ILE B 95 0.13 6.38 -3.81
CA ILE B 95 1.41 5.71 -4.04
C ILE B 95 2.52 6.55 -3.46
N THR B 96 2.17 7.72 -2.94
CA THR B 96 3.12 8.61 -2.32
C THR B 96 3.35 8.23 -0.86
N GLN B 97 4.39 8.80 -0.27
CA GLN B 97 4.60 8.60 1.16
C GLN B 97 3.36 8.98 1.95
N LYS B 98 2.39 9.64 1.33
CA LYS B 98 1.15 9.95 1.99
C LYS B 98 0.27 8.72 2.16
N TYR B 99 0.45 7.71 1.30
CA TYR B 99 -0.26 6.46 1.49
C TYR B 99 -0.01 5.88 2.87
N ALA B 100 1.18 6.10 3.43
CA ALA B 100 1.42 5.65 4.79
C ALA B 100 0.51 6.39 5.78
N ASP B 101 0.37 7.71 5.61
CA ASP B 101 -0.55 8.49 6.44
C ASP B 101 -1.99 8.03 6.26
N TYR B 102 -2.39 7.73 5.03
CA TYR B 102 -3.73 7.23 4.80
C TYR B 102 -3.97 5.96 5.61
N MET B 103 -3.01 5.02 5.56
CA MET B 103 -3.21 3.77 6.27
C MET B 103 -3.17 3.97 7.78
N LEU B 104 -2.40 4.94 8.27
CA LEU B 104 -2.50 5.29 9.68
C LEU B 104 -3.86 5.91 9.99
N PHE B 105 -4.26 6.88 9.17
CA PHE B 105 -5.61 7.43 9.26
C PHE B 105 -6.65 6.33 9.27
N LYS B 106 -6.48 5.33 8.40
CA LYS B 106 -7.47 4.26 8.30
C LYS B 106 -7.40 3.36 9.52
N GLN B 107 -6.20 3.14 10.08
CA GLN B 107 -6.12 2.40 11.33
C GLN B 107 -6.86 3.12 12.45
N ALA B 108 -6.74 4.45 12.50
CA ALA B 108 -7.53 5.22 13.44
C ALA B 108 -9.02 4.97 13.22
N PHE B 109 -9.47 5.00 11.97
CA PHE B 109 -10.89 4.76 11.69
C PHE B 109 -11.33 3.42 12.28
N ASN B 110 -10.56 2.36 12.03
CA ASN B 110 -10.93 1.07 12.60
C ASN B 110 -10.99 1.12 14.13
N VAL B 111 -10.01 1.78 14.77
CA VAL B 111 -10.04 1.94 16.21
C VAL B 111 -11.34 2.62 16.64
N MET B 112 -11.73 3.68 15.95
CA MET B 112 -12.94 4.38 16.37
C MET B 112 -14.20 3.60 16.03
N GLU B 113 -14.21 2.92 14.88
CA GLU B 113 -15.38 2.14 14.49
C GLU B 113 -15.75 1.10 15.56
N ASN B 114 -14.76 0.54 16.24
CA ASN B 114 -15.00 -0.35 17.38
C ASN B 114 -15.06 0.40 18.70
N LYS B 115 -15.24 1.71 18.66
CA LYS B 115 -15.44 2.53 19.84
C LYS B 115 -14.29 2.47 20.84
N GLU B 116 -13.11 1.93 20.46
CA GLU B 116 -11.98 1.89 21.40
C GLU B 116 -11.45 3.28 21.74
N HIS B 117 -11.85 4.33 21.01
CA HIS B 117 -11.43 5.66 21.42
C HIS B 117 -12.16 6.18 22.65
N LEU B 118 -13.11 5.41 23.19
CA LEU B 118 -13.72 5.75 24.46
C LEU B 118 -13.11 4.96 25.61
N THR B 119 -11.81 4.66 25.53
CA THR B 119 -11.13 3.92 26.57
C THR B 119 -9.68 4.39 26.67
N ILE B 120 -9.12 4.27 27.88
CA ILE B 120 -7.74 4.64 28.10
C ILE B 120 -6.82 4.00 27.07
N GLU B 121 -6.93 2.68 26.90
CA GLU B 121 -6.06 1.95 26.00
C GLU B 121 -6.27 2.39 24.56
N GLY B 122 -7.50 2.74 24.20
CA GLY B 122 -7.75 3.22 22.85
C GLY B 122 -7.03 4.53 22.56
N ILE B 123 -7.23 5.51 23.43
CA ILE B 123 -6.47 6.76 23.32
C ILE B 123 -4.98 6.45 23.17
N LYS B 124 -4.48 5.50 23.96
CA LYS B 124 -3.07 5.15 23.87
C LYS B 124 -2.76 4.58 22.49
N GLU B 125 -3.64 3.75 21.95
CA GLU B 125 -3.39 3.23 20.61
C GLU B 125 -3.46 4.36 19.59
N LEU B 126 -4.41 5.29 19.76
CA LEU B 126 -4.50 6.40 18.82
C LEU B 126 -3.26 7.27 18.86
N VAL B 127 -2.72 7.51 20.07
CA VAL B 127 -1.52 8.33 20.18
C VAL B 127 -0.33 7.65 19.50
N ARG B 128 -0.20 6.33 19.64
CA ARG B 128 0.87 5.60 18.96
C ARG B 128 0.73 5.69 17.46
N ILE B 129 -0.51 5.67 16.96
CA ILE B 129 -0.76 5.88 15.55
C ILE B 129 -0.34 7.29 15.13
N LYS B 130 -0.71 8.30 15.93
CA LYS B 130 -0.41 9.69 15.56
C LYS B 130 1.10 9.96 15.52
N ALA B 131 1.88 9.22 16.31
CA ALA B 131 3.32 9.48 16.36
C ALA B 131 3.96 9.35 14.98
N LYS B 132 3.43 8.47 14.14
CA LYS B 132 3.94 8.24 12.80
C LYS B 132 3.13 8.97 11.74
N LEU B 133 2.11 9.73 12.13
CA LEU B 133 1.25 10.44 11.18
C LEU B 133 1.75 11.86 11.00
N ASN B 134 2.01 12.24 9.74
CA ASN B 134 2.46 13.59 9.40
C ASN B 134 3.58 14.05 10.33
N TRP B 135 3.29 15.08 11.10
CA TRP B 135 4.29 15.69 11.97
C TRP B 135 4.31 15.08 13.36
N GLY B 136 3.64 13.96 13.54
CA GLY B 136 3.78 13.28 14.80
C GLY B 136 3.12 14.03 15.94
N LEU B 137 3.51 13.63 17.15
CA LEU B 137 2.84 14.10 18.33
C LEU B 137 3.25 15.52 18.66
N THR B 138 2.31 16.26 19.24
CA THR B 138 2.55 17.63 19.67
C THR B 138 3.33 17.59 20.97
N ASP B 139 3.75 18.77 21.45
CA ASP B 139 4.48 18.78 22.71
C ASP B 139 3.57 18.35 23.87
N GLU B 140 2.35 18.87 23.92
CA GLU B 140 1.43 18.45 24.98
C GLU B 140 1.28 16.94 25.01
N LEU B 141 1.02 16.33 23.85
CA LEU B 141 0.80 14.89 23.84
C LEU B 141 2.07 14.14 24.20
N LYS B 142 3.23 14.68 23.83
CA LYS B 142 4.49 14.08 24.28
C LYS B 142 4.59 14.13 25.81
N LYS B 143 4.16 15.25 26.41
CA LYS B 143 4.17 15.33 27.87
C LYS B 143 3.20 14.30 28.48
N ALA B 144 2.00 14.19 27.91
CA ALA B 144 0.98 13.31 28.48
C ALA B 144 1.30 11.82 28.26
N PHE B 145 1.94 11.47 27.14
CA PHE B 145 2.25 10.09 26.80
C PHE B 145 3.75 9.94 26.58
N PRO B 146 4.54 10.07 27.65
CA PRO B 146 6.02 10.12 27.50
C PRO B 146 6.63 8.83 27.00
N GLU B 147 5.83 7.79 26.81
CA GLU B 147 6.30 6.51 26.27
C GLU B 147 5.73 6.32 24.87
N ILE B 148 5.79 7.36 24.05
CA ILE B 148 5.19 7.28 22.72
C ILE B 148 5.95 6.29 21.86
N ILE B 149 7.27 6.49 21.72
CA ILE B 149 8.15 5.74 20.82
C ILE B 149 8.70 6.76 19.84
N SER B 150 8.75 6.41 18.55
CA SER B 150 9.33 7.28 17.54
C SER B 150 8.34 7.57 16.43
N LYS B 151 8.67 8.57 15.63
CA LYS B 151 7.90 8.95 14.45
C LYS B 151 8.28 8.14 13.23
N GLU B 152 9.17 7.15 13.39
CA GLU B 152 9.71 6.40 12.27
C GLU B 152 8.64 5.60 11.53
N ARG B 153 8.81 5.49 10.21
CA ARG B 153 7.84 4.90 9.30
C ARG B 153 8.57 4.03 8.29
N SER B 154 7.80 3.24 7.54
CA SER B 154 8.39 2.44 6.48
C SER B 154 8.16 3.14 5.15
N LEU B 155 9.12 2.98 4.26
CA LEU B 155 9.06 3.62 2.96
C LEU B 155 7.92 3.03 2.15
N ILE B 156 7.29 3.89 1.37
CA ILE B 156 6.26 3.48 0.42
C ILE B 156 6.90 3.40 -0.95
N ASN B 157 6.68 2.27 -1.63
CA ASN B 157 7.19 2.08 -2.97
C ASN B 157 6.07 1.43 -3.77
N LYS B 158 5.57 2.15 -4.78
CA LYS B 158 4.36 1.74 -5.49
C LYS B 158 4.43 2.32 -6.89
N ASN B 159 4.31 1.46 -7.90
CA ASN B 159 4.30 1.93 -9.28
C ASN B 159 3.12 2.86 -9.53
N ILE B 160 3.31 3.76 -10.50
CA ILE B 160 2.21 4.56 -11.03
C ILE B 160 1.21 3.54 -11.56
N PRO B 161 -0.03 3.55 -11.05
CA PRO B 161 -0.95 2.45 -11.38
C PRO B 161 -1.75 2.63 -12.66
N ASN B 162 -1.90 3.87 -13.13
CA ASN B 162 -2.75 4.19 -14.26
C ASN B 162 -2.29 5.52 -14.84
N PHE B 163 -2.51 5.68 -16.14
CA PHE B 163 -2.19 6.95 -16.78
C PHE B 163 -2.93 8.10 -16.13
N LYS B 164 -4.22 7.92 -15.85
CA LYS B 164 -5.04 9.00 -15.29
C LYS B 164 -4.52 9.46 -13.93
N TRP B 165 -3.77 8.62 -13.22
CA TRP B 165 -3.20 9.05 -11.94
C TRP B 165 -2.24 10.22 -12.13
N LEU B 166 -1.34 10.11 -13.10
CA LEU B 166 -0.36 11.17 -13.33
C LEU B 166 -1.05 12.47 -13.76
N ALA B 167 -2.10 12.33 -14.58
CA ALA B 167 -2.86 13.50 -14.99
C ALA B 167 -3.39 14.25 -13.77
N GLY B 168 -3.98 13.51 -12.82
CA GLY B 168 -4.42 14.14 -11.59
C GLY B 168 -3.27 14.70 -10.78
N PHE B 169 -2.25 13.89 -10.53
CA PHE B 169 -1.10 14.35 -9.75
C PHE B 169 -0.48 15.60 -10.36
N THR B 170 -0.35 15.63 -11.69
CA THR B 170 0.25 16.79 -12.34
C THR B 170 -0.66 18.01 -12.23
N SER B 171 -1.98 17.80 -12.20
CA SER B 171 -2.82 18.95 -11.91
C SER B 171 -2.59 19.48 -10.52
N GLY B 172 -1.88 18.73 -9.68
CA GLY B 172 -1.49 19.24 -8.39
C GLY B 172 -0.13 19.90 -8.34
N GLU B 173 0.93 19.15 -8.60
CA GLU B 173 2.27 19.62 -8.35
C GLU B 173 2.99 20.08 -9.62
N GLY B 174 2.30 20.12 -10.77
CA GLY B 174 2.98 20.38 -12.02
C GLY B 174 3.17 21.86 -12.32
N CYS B 175 4.06 22.13 -13.25
CA CYS B 175 4.27 23.51 -13.70
C CYS B 175 4.71 23.51 -15.15
N PHE B 176 3.91 24.16 -16.00
CA PHE B 176 4.21 24.36 -17.41
C PHE B 176 4.77 25.77 -17.58
N PHE B 177 6.09 25.87 -17.72
CA PHE B 177 6.77 27.15 -17.73
C PHE B 177 7.36 27.44 -19.11
N VAL B 178 7.35 28.72 -19.47
CA VAL B 178 7.97 29.21 -20.70
C VAL B 178 9.13 30.10 -20.25
N ASN B 179 10.35 29.58 -20.39
CA ASN B 179 11.55 30.29 -19.99
C ASN B 179 12.12 31.09 -21.17
N LEU B 180 12.52 32.33 -20.90
CA LEU B 180 13.18 33.19 -21.87
C LEU B 180 14.59 33.49 -21.38
N LEU B 181 15.60 33.05 -22.12
CA LEU B 181 16.97 33.21 -21.67
C LEU B 181 17.70 34.20 -22.57
N LYS B 182 18.55 35.03 -21.95
CA LYS B 182 19.30 36.02 -22.71
C LYS B 182 20.34 35.32 -23.58
N SER B 183 20.29 35.58 -24.89
CA SER B 183 21.27 35.05 -25.84
C SER B 183 21.77 36.17 -26.75
N LYS B 184 23.05 36.11 -27.07
CA LYS B 184 23.69 37.02 -28.03
C LYS B 184 23.24 36.67 -29.45
N SER B 185 22.37 37.50 -30.03
CA SER B 185 21.77 37.23 -31.34
C SER B 185 20.94 38.43 -31.77
N LYS B 186 20.49 38.39 -33.03
CA LYS B 186 19.57 39.40 -33.53
C LYS B 186 18.32 39.50 -32.65
N LEU B 187 17.66 38.36 -32.42
CA LEU B 187 16.51 38.34 -31.52
C LEU B 187 16.95 38.63 -30.09
N GLY B 188 18.03 37.98 -29.65
CA GLY B 188 18.56 38.15 -28.30
C GLY B 188 17.62 37.64 -27.21
N VAL B 189 17.28 36.36 -27.28
CA VAL B 189 16.26 35.77 -26.42
C VAL B 189 15.99 34.35 -26.90
N GLN B 190 16.42 33.36 -26.13
CA GLN B 190 16.11 31.98 -26.45
C GLN B 190 14.82 31.58 -25.74
N VAL B 191 13.96 30.86 -26.45
CA VAL B 191 12.69 30.38 -25.92
C VAL B 191 12.82 28.90 -25.60
N CYS B 192 12.37 28.49 -24.41
CA CYS B 192 12.41 27.09 -24.02
C CYS B 192 11.22 26.72 -23.18
N LEU B 193 10.40 25.80 -23.67
CA LEU B 193 9.33 25.25 -22.83
C LEU B 193 9.95 24.33 -21.78
N VAL B 194 9.55 24.53 -20.52
CA VAL B 194 10.08 23.75 -19.41
C VAL B 194 8.90 23.15 -18.66
N PHE B 195 8.82 21.83 -18.64
CA PHE B 195 7.86 21.10 -17.82
C PHE B 195 8.56 20.70 -16.53
N SER B 196 7.92 20.99 -15.40
CA SER B 196 8.57 20.84 -14.10
C SER B 196 7.56 20.26 -13.13
N ILE B 197 7.99 19.28 -12.32
CA ILE B 197 7.20 18.71 -11.22
C ILE B 197 8.11 18.56 -10.01
N GLY B 198 7.71 19.16 -8.89
CA GLY B 198 8.50 19.07 -7.68
C GLY B 198 7.92 18.13 -6.64
N GLN B 199 8.77 17.62 -5.76
CA GLN B 199 8.32 16.68 -4.73
C GLN B 199 9.41 16.57 -3.69
N HIS B 200 9.00 16.43 -2.42
CA HIS B 200 9.96 16.21 -1.36
C HIS B 200 10.80 14.97 -1.66
N ILE B 201 12.02 14.93 -1.12
CA ILE B 201 12.96 13.87 -1.48
C ILE B 201 12.59 12.51 -0.90
N ARG B 202 11.63 12.47 0.03
CA ARG B 202 11.14 11.19 0.54
C ARG B 202 10.59 10.34 -0.60
N ASP B 203 10.09 10.98 -1.64
CA ASP B 203 9.64 10.25 -2.82
C ASP B 203 10.66 10.32 -3.96
N LYS B 204 11.96 10.14 -3.64
CA LYS B 204 12.98 10.10 -4.67
C LYS B 204 12.67 9.04 -5.71
N ASN B 205 12.21 7.87 -5.30
CA ASN B 205 12.05 6.81 -6.30
C ASN B 205 10.86 7.07 -7.21
N LEU B 206 9.72 7.49 -6.66
CA LEU B 206 8.58 7.72 -7.53
C LEU B 206 8.88 8.84 -8.52
N MET B 207 9.59 9.88 -8.06
CA MET B 207 9.95 11.00 -8.92
C MET B 207 10.82 10.54 -10.06
N ASN B 208 11.77 9.66 -9.75
CA ASN B 208 12.72 9.21 -10.76
C ASN B 208 12.08 8.18 -11.67
N SER B 209 11.13 7.42 -11.16
CA SER B 209 10.19 6.65 -11.95
C SER B 209 9.69 7.39 -13.19
N LEU B 210 9.39 8.69 -13.05
CA LEU B 210 8.73 9.43 -14.14
C LEU B 210 9.56 9.44 -15.43
N ILE B 211 10.89 9.48 -15.33
CA ILE B 211 11.72 9.47 -16.52
C ILE B 211 11.33 8.30 -17.42
N THR B 212 11.35 7.08 -16.87
CA THR B 212 11.02 5.90 -17.67
C THR B 212 9.53 5.81 -17.95
N TYR B 213 8.69 6.26 -17.04
CA TYR B 213 7.26 6.16 -17.28
C TYR B 213 6.83 7.06 -18.43
N LEU B 214 7.44 8.25 -18.55
CA LEU B 214 7.04 9.21 -19.57
C LEU B 214 7.90 9.18 -20.82
N GLY B 215 9.14 8.69 -20.72
CA GLY B 215 10.04 8.60 -21.85
C GLY B 215 10.85 9.84 -22.15
N CYS B 216 11.22 10.61 -21.12
CA CYS B 216 11.98 11.85 -21.30
C CYS B 216 12.20 12.46 -19.93
N GLY B 217 13.06 13.47 -19.88
CA GLY B 217 13.26 14.24 -18.68
C GLY B 217 14.43 13.76 -17.83
N TYR B 218 14.72 14.56 -16.81
CA TYR B 218 15.80 14.34 -15.86
C TYR B 218 15.35 14.85 -14.50
N ILE B 219 16.11 14.50 -13.46
CA ILE B 219 15.80 14.87 -12.08
C ILE B 219 16.84 15.87 -11.60
N LEU B 220 16.38 16.96 -11.01
CA LEU B 220 17.27 17.95 -10.40
C LEU B 220 17.02 18.00 -8.90
N LYS B 221 18.08 18.23 -8.14
CA LYS B 221 18.01 18.42 -6.70
C LYS B 221 18.14 19.90 -6.37
N LYS B 222 17.24 20.41 -5.55
CA LYS B 222 17.29 21.80 -5.10
C LYS B 222 17.24 21.82 -3.58
N ASN B 223 17.90 22.84 -2.99
CA ASN B 223 18.02 22.96 -1.55
C ASN B 223 17.78 24.40 -1.14
N LYS B 224 17.21 24.59 0.06
CA LYS B 224 16.93 25.90 0.61
C LYS B 224 17.13 25.77 2.12
N SER B 225 18.39 25.86 2.55
CA SER B 225 18.78 25.63 3.93
C SER B 225 18.61 24.17 4.31
N GLU B 226 17.82 23.87 5.34
CA GLU B 226 17.60 22.49 5.82
C GLU B 226 16.69 21.68 4.91
N PHE B 227 15.91 22.35 4.07
CA PHE B 227 14.96 21.73 3.16
C PHE B 227 15.64 21.33 1.85
N SER B 228 15.01 20.38 1.15
CA SER B 228 15.53 19.89 -0.13
C SER B 228 14.40 19.14 -0.82
N TRP B 229 14.22 19.40 -2.12
CA TRP B 229 13.17 18.71 -2.87
C TRP B 229 13.73 18.27 -4.21
N LEU B 230 12.88 17.60 -4.99
CA LEU B 230 13.27 17.09 -6.29
C LEU B 230 12.37 17.66 -7.38
N GLU B 231 12.95 18.00 -8.51
CA GLU B 231 12.16 18.47 -9.64
C GLU B 231 12.45 17.55 -10.81
N PHE B 232 11.39 17.08 -11.45
CA PHE B 232 11.51 16.28 -12.67
C PHE B 232 11.17 17.20 -13.83
N CYS B 233 12.17 17.48 -14.67
CA CYS B 233 12.04 18.47 -15.72
C CYS B 233 12.19 17.82 -17.09
N VAL B 234 11.63 18.50 -18.09
CA VAL B 234 11.71 18.10 -19.49
C VAL B 234 11.85 19.37 -20.30
N THR B 235 13.01 19.57 -20.91
CA THR B 235 13.33 20.78 -21.62
C THR B 235 13.78 20.54 -23.07
N LYS B 236 13.99 19.30 -23.50
CA LYS B 236 14.17 19.04 -24.92
C LYS B 236 12.82 19.19 -25.61
N PHE B 237 12.77 20.02 -26.66
CA PHE B 237 11.49 20.35 -27.27
C PHE B 237 10.83 19.14 -27.93
N SER B 238 11.61 18.35 -28.68
CA SER B 238 11.19 17.04 -29.19
C SER B 238 10.28 16.32 -28.20
N ASP B 239 10.85 15.93 -27.06
CA ASP B 239 10.08 15.18 -26.06
C ASP B 239 8.78 15.91 -25.73
N ILE B 240 8.81 17.23 -25.65
CA ILE B 240 7.62 17.99 -25.32
C ILE B 240 6.59 17.90 -26.44
N ARG B 241 7.04 18.05 -27.70
CA ARG B 241 6.08 18.08 -28.81
C ARG B 241 5.39 16.73 -28.97
N ASP B 242 6.11 15.63 -28.76
CA ASP B 242 5.58 14.31 -29.08
C ASP B 242 5.11 13.51 -27.87
N LYS B 243 5.64 13.80 -26.68
CA LYS B 243 5.34 13.00 -25.48
C LYS B 243 4.51 13.79 -24.50
N ILE B 244 5.05 14.84 -23.88
CA ILE B 244 4.33 15.50 -22.81
C ILE B 244 2.98 16.02 -23.32
N ILE B 245 2.99 16.77 -24.42
CA ILE B 245 1.75 17.42 -24.88
C ILE B 245 0.72 16.39 -25.34
N PRO B 246 1.05 15.43 -26.19
CA PRO B 246 0.05 14.39 -26.53
C PRO B 246 -0.51 13.72 -25.30
N PHE B 247 0.34 13.50 -24.29
CA PHE B 247 -0.13 12.84 -23.07
C PHE B 247 -1.22 13.65 -22.41
N PHE B 248 -0.90 14.87 -21.96
CA PHE B 248 -1.89 15.64 -21.23
C PHE B 248 -3.05 16.12 -22.10
N GLN B 249 -2.95 15.98 -23.43
CA GLN B 249 -4.12 16.26 -24.26
C GLN B 249 -5.08 15.08 -24.29
N GLU B 250 -4.57 13.85 -24.21
CA GLU B 250 -5.45 12.70 -24.08
C GLU B 250 -5.96 12.53 -22.66
N TYR B 251 -5.09 12.80 -21.68
CA TYR B 251 -5.45 12.67 -20.28
C TYR B 251 -5.56 14.09 -19.76
N THR B 252 -6.76 14.66 -19.91
CA THR B 252 -6.99 16.07 -19.61
C THR B 252 -6.58 16.39 -18.18
N LEU B 253 -6.09 17.60 -18.00
CA LEU B 253 -5.79 18.18 -16.70
C LEU B 253 -7.04 18.80 -16.10
N ILE B 254 -6.95 19.19 -14.83
CA ILE B 254 -8.08 19.80 -14.13
C ILE B 254 -7.59 21.05 -13.42
N GLY B 255 -8.52 21.99 -13.22
CA GLY B 255 -8.19 23.24 -12.55
C GLY B 255 -7.50 24.22 -13.46
N THR B 256 -7.11 25.35 -12.84
CA THR B 256 -6.53 26.42 -13.63
C THR B 256 -5.22 25.98 -14.30
N LYS B 257 -4.56 24.94 -13.79
CA LYS B 257 -3.33 24.51 -14.47
C LYS B 257 -3.62 24.02 -15.87
N LEU B 258 -4.86 23.58 -16.13
CA LEU B 258 -5.22 23.21 -17.51
C LEU B 258 -5.10 24.42 -18.42
N LYS B 259 -5.60 25.57 -17.93
CA LYS B 259 -5.49 26.82 -18.67
C LYS B 259 -4.02 27.14 -18.96
N ASP B 260 -3.16 27.07 -17.93
CA ASP B 260 -1.73 27.28 -18.18
C ASP B 260 -1.23 26.30 -19.22
N PHE B 261 -1.71 25.06 -19.19
CA PHE B 261 -1.31 24.09 -20.20
C PHE B 261 -1.68 24.58 -21.59
N GLU B 262 -2.93 24.99 -21.77
CA GLU B 262 -3.39 25.35 -23.10
C GLU B 262 -2.57 26.51 -23.64
N ASP B 263 -2.22 27.47 -22.79
CA ASP B 263 -1.30 28.53 -23.21
C ASP B 263 0.10 27.96 -23.50
N TRP B 264 0.60 27.09 -22.62
CA TRP B 264 1.87 26.43 -22.89
C TRP B 264 1.89 25.83 -24.29
N CYS B 265 0.80 25.18 -24.67
CA CYS B 265 0.79 24.50 -25.96
C CYS B 265 0.76 25.51 -27.11
N LYS B 266 0.12 26.67 -26.88
CA LYS B 266 0.16 27.76 -27.84
C LYS B 266 1.59 28.17 -28.15
N VAL B 267 2.40 28.37 -27.11
CA VAL B 267 3.80 28.72 -27.35
C VAL B 267 4.52 27.57 -28.04
N ALA B 268 4.15 26.34 -27.70
CA ALA B 268 4.72 25.18 -28.39
C ALA B 268 4.40 25.21 -29.87
N LYS B 269 3.15 25.52 -30.23
CA LYS B 269 2.79 25.59 -31.64
C LYS B 269 3.65 26.62 -32.36
N LEU B 270 3.83 27.81 -31.79
CA LEU B 270 4.69 28.81 -32.40
C LEU B 270 6.11 28.28 -32.59
N ILE B 271 6.64 27.56 -31.59
CA ILE B 271 8.02 27.08 -31.68
C ILE B 271 8.20 25.99 -32.71
N GLU B 272 7.13 25.28 -33.08
CA GLU B 272 7.26 24.30 -34.14
C GLU B 272 7.38 24.96 -35.50
N GLU B 273 6.76 26.13 -35.65
CA GLU B 273 6.78 26.90 -36.89
C GLU B 273 7.99 27.82 -37.01
N LYS B 274 8.96 27.69 -36.10
CA LYS B 274 10.18 28.50 -36.06
C LYS B 274 9.91 29.97 -35.75
N LYS B 275 8.67 30.33 -35.38
CA LYS B 275 8.34 31.73 -35.08
C LYS B 275 8.91 32.20 -33.73
N HIS B 276 9.58 31.33 -32.97
CA HIS B 276 10.26 31.75 -31.75
C HIS B 276 11.59 32.45 -32.02
N LEU B 277 12.08 32.40 -33.25
CA LEU B 277 13.29 33.14 -33.62
C LEU B 277 12.99 34.43 -34.38
N THR B 278 11.73 34.65 -34.78
CA THR B 278 11.33 35.80 -35.56
C THR B 278 11.02 36.97 -34.64
N GLU B 279 10.67 38.10 -35.26
CA GLU B 279 10.34 39.31 -34.53
C GLU B 279 8.98 39.17 -33.85
N GLU B 280 7.92 39.05 -34.65
CA GLU B 280 6.56 38.98 -34.11
C GLU B 280 6.41 37.81 -33.16
N GLY B 281 7.10 36.70 -33.42
CA GLY B 281 7.02 35.52 -32.59
C GLY B 281 7.35 35.79 -31.14
N LEU B 282 8.60 36.14 -30.85
CA LEU B 282 8.97 36.46 -29.47
C LEU B 282 8.00 37.47 -28.86
N ASP B 283 7.41 38.33 -29.69
CA ASP B 283 6.42 39.28 -29.18
C ASP B 283 5.15 38.55 -28.76
N GLU B 284 4.66 37.62 -29.59
CA GLU B 284 3.49 36.86 -29.21
C GLU B 284 3.77 35.98 -28.00
N ILE B 285 4.89 35.23 -28.04
CA ILE B 285 5.23 34.37 -26.91
C ILE B 285 5.32 35.18 -25.63
N LYS B 286 5.99 36.33 -25.70
CA LYS B 286 6.12 37.20 -24.54
C LYS B 286 4.77 37.49 -23.89
N LYS B 287 3.74 37.74 -24.70
CA LYS B 287 2.43 38.06 -24.13
C LYS B 287 1.81 36.84 -23.45
N ILE B 288 1.97 35.66 -24.04
CA ILE B 288 1.43 34.46 -23.40
C ILE B 288 2.11 34.24 -22.06
N LYS B 289 3.44 34.24 -22.07
CA LYS B 289 4.19 34.11 -20.82
C LYS B 289 3.72 35.12 -19.79
N LEU B 290 3.53 36.36 -20.22
CA LEU B 290 3.19 37.42 -19.28
C LEU B 290 1.86 37.15 -18.58
N ASN B 291 0.89 36.56 -19.30
CA ASN B 291 -0.43 36.30 -18.73
C ASN B 291 -0.56 34.88 -18.18
N MET B 292 0.56 34.20 -17.92
CA MET B 292 0.60 32.83 -17.42
C MET B 292 1.15 32.78 -16.00
N ASN B 293 0.77 31.72 -15.29
CA ASN B 293 1.25 31.42 -13.93
C ASN B 293 0.89 32.59 -13.03
N LYS B 294 1.83 33.18 -12.29
CA LYS B 294 1.53 34.39 -11.53
C LYS B 294 0.83 35.44 -12.38
N GLY B 295 1.11 35.44 -13.69
CA GLY B 295 0.44 36.38 -14.57
C GLY B 295 -1.00 36.03 -14.88
N ARG B 296 -1.39 34.77 -14.66
CA ARG B 296 -2.77 34.32 -14.90
C ARG B 296 -3.80 35.22 -14.21
CA CA G . 2.30 -16.53 7.83
CA CA H . -0.06 -23.38 5.51
C1 EDO I . -30.02 -23.51 13.69
O1 EDO I . -29.62 -22.17 13.99
C2 EDO I . -30.46 -23.61 12.23
O2 EDO I . -31.22 -22.44 11.88
H11 EDO I . -29.18 -24.18 13.86
H12 EDO I . -30.84 -23.82 14.34
HO1 EDO I . -29.47 -22.09 14.94
H21 EDO I . -29.58 -23.66 11.58
H22 EDO I . -31.05 -24.50 12.07
HO2 EDO I . -31.48 -22.48 10.95
C1 EDO J . -9.05 -22.71 20.17
O1 EDO J . -9.36 -21.44 20.74
C2 EDO J . -8.31 -22.49 18.86
O2 EDO J . -9.21 -21.84 17.97
H11 EDO J . -8.44 -23.29 20.86
H12 EDO J . -9.97 -23.28 19.98
HO1 EDO J . -9.89 -21.57 21.55
H21 EDO J . -7.42 -21.86 19.03
H22 EDO J . -7.97 -23.44 18.44
HO2 EDO J . -8.78 -21.70 17.11
CA CA K . -1.20 22.73 -7.09
CA CA L . 2.21 17.78 -1.95
CA CA M . -32.20 13.94 20.17
C1 EDO N . -31.29 -30.71 23.66
O1 EDO N . -31.65 -29.97 24.83
C2 EDO N . -32.07 -30.20 22.45
O2 EDO N . -33.45 -30.01 22.78
H11 EDO N . -30.21 -30.59 23.48
H12 EDO N . -31.50 -31.76 23.82
HO1 EDO N . -31.22 -30.35 25.60
H21 EDO N . -31.64 -29.24 22.12
H22 EDO N . -31.98 -30.91 21.63
HO2 EDO N . -33.94 -29.73 21.99
#